data_5J62
#
_entry.id   5J62
#
_cell.length_a   100.323
_cell.length_b   100.323
_cell.length_c   99.921
_cell.angle_alpha   90.000
_cell.angle_beta   90.000
_cell.angle_gamma   90.000
#
_symmetry.space_group_name_H-M   'P 41 21 2'
#
loop_
_entity.id
_entity.type
_entity.pdbx_description
1 polymer 'Putative reductase'
2 non-polymer 'FLAVIN MONONUCLEOTIDE'
3 non-polymer GLYCEROL
4 non-polymer 'PHOSPHATE ION'
5 water water
#
_entity_poly.entity_id   1
_entity_poly.type   'polypeptide(L)'
_entity_poly.pdbx_seq_one_letter_code
;MNNNFQDNQTINLIQSRRSIRKFTTEQISDEQVNTLLHCAFAAPSGCNKQPWHITVVQDQKLLKEISDDTLSRIHEVSNV
EINKNFKLFYGAPTVLFISYDESSSWAPYDIGILTGNITTAAQALGLGSCIIGMVRGLFTPVEQGDIEGLVSVLDKEDVK
ESESIKMKFDTNKKYRELLDIPEGYSVPFGIAVGIPDGNLPNAREVVYKVSRVAENLYFQGHHHHHHHHHH
;
_entity_poly.pdbx_strand_id   A,B
#
loop_
_chem_comp.id
_chem_comp.type
_chem_comp.name
_chem_comp.formula
FMN non-polymer 'FLAVIN MONONUCLEOTIDE' 'C17 H21 N4 O9 P'
GOL non-polymer GLYCEROL 'C3 H8 O3'
PO4 non-polymer 'PHOSPHATE ION' 'O4 P -3'
#
# COMPACT_ATOMS: atom_id res chain seq x y z
N GLN A 6 8.16 -4.56 -22.33
CA GLN A 6 8.78 -3.73 -23.40
C GLN A 6 10.32 -3.71 -23.19
N ASP A 7 11.00 -2.95 -24.06
N ASP A 7 11.09 -3.00 -24.02
CA ASP A 7 12.41 -2.57 -23.92
CA ASP A 7 12.51 -2.72 -23.65
C ASP A 7 12.59 -1.36 -22.97
C ASP A 7 12.63 -1.38 -22.91
N ASN A 8 11.53 -0.99 -22.27
CA ASN A 8 11.57 -0.05 -21.18
C ASN A 8 11.98 -0.85 -19.91
N GLN A 9 13.10 -0.43 -19.37
CA GLN A 9 13.78 -1.12 -18.27
C GLN A 9 12.87 -1.16 -17.00
N THR A 10 12.21 -0.06 -16.69
CA THR A 10 11.29 0.03 -15.54
C THR A 10 10.11 -0.94 -15.68
N ILE A 11 9.48 -0.93 -16.84
CA ILE A 11 8.36 -1.86 -17.12
C ILE A 11 8.82 -3.32 -16.99
N ASN A 12 10.00 -3.60 -17.49
CA ASN A 12 10.47 -4.97 -17.45
C ASN A 12 10.72 -5.41 -16.02
N LEU A 13 11.33 -4.57 -15.17
CA LEU A 13 11.48 -4.94 -13.76
C LEU A 13 10.12 -5.20 -13.12
N ILE A 14 9.17 -4.29 -13.32
CA ILE A 14 7.92 -4.44 -12.60
C ILE A 14 7.22 -5.73 -13.01
N GLN A 15 7.23 -5.99 -14.31
CA GLN A 15 6.57 -7.20 -14.85
C GLN A 15 7.31 -8.47 -14.50
N SER A 16 8.62 -8.41 -14.29
CA SER A 16 9.35 -9.64 -14.02
C SER A 16 9.62 -9.90 -12.54
N ARG A 17 9.12 -9.03 -11.68
CA ARG A 17 9.43 -9.15 -10.26
C ARG A 17 8.97 -10.48 -9.71
N ARG A 18 9.80 -11.09 -8.87
CA ARG A 18 9.37 -12.17 -8.02
C ARG A 18 9.96 -12.00 -6.61
N SER A 19 9.42 -12.72 -5.65
CA SER A 19 9.93 -12.77 -4.28
C SER A 19 11.20 -13.54 -4.22
N ILE A 20 12.22 -12.98 -3.50
CA ILE A 20 13.49 -13.66 -3.39
C ILE A 20 13.61 -14.23 -2.00
N ARG A 21 13.83 -15.52 -1.92
CA ARG A 21 13.91 -16.23 -0.71
C ARG A 21 15.23 -16.99 -0.52
N LYS A 22 16.23 -16.62 -1.29
CA LYS A 22 17.55 -17.22 -1.16
C LYS A 22 18.55 -16.09 -1.41
N PHE A 23 19.34 -15.75 -0.41
CA PHE A 23 20.27 -14.61 -0.53
C PHE A 23 21.70 -15.05 -0.22
N THR A 24 22.67 -14.29 -0.74
CA THR A 24 24.04 -14.44 -0.28
C THR A 24 24.18 -13.86 1.13
N THR A 25 25.33 -14.13 1.75
CA THR A 25 25.64 -13.63 3.11
C THR A 25 26.13 -12.20 3.04
N GLU A 26 26.33 -11.65 1.85
CA GLU A 26 26.90 -10.30 1.73
C GLU A 26 25.82 -9.20 2.10
N GLN A 27 26.21 -8.29 2.96
CA GLN A 27 25.40 -7.17 3.41
C GLN A 27 25.27 -6.19 2.27
N ILE A 28 24.16 -5.46 2.20
CA ILE A 28 23.99 -4.42 1.19
C ILE A 28 24.68 -3.16 1.71
N SER A 29 25.05 -2.25 0.81
CA SER A 29 25.75 -1.02 1.23
C SER A 29 24.83 -0.02 1.90
N ASP A 30 25.40 0.90 2.67
CA ASP A 30 24.63 2.00 3.24
C ASP A 30 24.01 2.87 2.20
N GLU A 31 24.65 2.97 1.03
CA GLU A 31 24.14 3.79 -0.04
C GLU A 31 22.87 3.14 -0.61
N GLN A 32 22.91 1.82 -0.78
CA GLN A 32 21.73 1.09 -1.25
C GLN A 32 20.64 1.25 -0.21
N VAL A 33 20.98 1.16 1.08
CA VAL A 33 19.94 1.37 2.11
C VAL A 33 19.32 2.76 1.95
N ASN A 34 20.16 3.77 1.86
CA ASN A 34 19.65 5.13 1.69
C ASN A 34 18.77 5.29 0.52
N THR A 35 19.15 4.64 -0.60
CA THR A 35 18.38 4.72 -1.82
C THR A 35 17.01 4.07 -1.66
N LEU A 36 16.99 2.93 -0.98
CA LEU A 36 15.71 2.24 -0.73
C LEU A 36 14.81 3.11 0.11
N LEU A 37 15.38 3.75 1.15
CA LEU A 37 14.60 4.67 2.00
C LEU A 37 14.12 5.87 1.28
N HIS A 38 14.99 6.49 0.52
CA HIS A 38 14.57 7.61 -0.29
C HIS A 38 13.38 7.23 -1.20
N CYS A 39 13.52 6.13 -1.90
CA CYS A 39 12.43 5.64 -2.74
C CYS A 39 11.17 5.41 -1.95
N ALA A 40 11.30 4.75 -0.82
CA ALA A 40 10.15 4.44 0.04
C ALA A 40 9.38 5.74 0.38
N PHE A 41 10.10 6.72 0.90
CA PHE A 41 9.46 7.92 1.43
C PHE A 41 9.08 8.93 0.36
N ALA A 42 9.38 8.61 -0.90
CA ALA A 42 8.83 9.32 -2.02
C ALA A 42 7.46 8.87 -2.46
N ALA A 43 6.92 7.83 -1.84
CA ALA A 43 5.55 7.40 -2.17
C ALA A 43 4.44 8.44 -1.96
N PRO A 44 3.34 8.33 -2.73
CA PRO A 44 2.19 9.14 -2.41
C PRO A 44 1.45 8.57 -1.20
N SER A 45 0.65 9.41 -0.54
CA SER A 45 -0.14 8.97 0.62
C SER A 45 -1.36 9.83 0.74
N GLY A 46 -2.45 9.28 1.26
CA GLY A 46 -3.73 9.99 1.33
C GLY A 46 -3.47 11.24 2.20
N CYS A 47 -3.82 12.38 1.68
CA CYS A 47 -3.65 13.73 2.31
C CYS A 47 -2.24 14.09 2.66
N ASN A 48 -1.28 13.49 1.97
CA ASN A 48 0.12 13.63 2.28
C ASN A 48 0.41 13.47 3.77
N LYS A 49 -0.33 12.60 4.50
CA LYS A 49 0.03 12.38 5.89
C LYS A 49 1.28 11.56 6.08
N GLN A 50 1.65 10.73 5.12
CA GLN A 50 2.89 9.93 5.24
C GLN A 50 2.89 9.18 6.57
N PRO A 51 1.83 8.41 6.83
CA PRO A 51 1.57 7.89 8.19
C PRO A 51 2.26 6.57 8.48
N TRP A 52 3.57 6.59 8.30
CA TRP A 52 4.36 5.37 8.21
C TRP A 52 5.66 5.55 8.95
N HIS A 53 6.35 4.46 9.15
CA HIS A 53 7.67 4.48 9.75
C HIS A 53 8.40 3.26 9.24
N ILE A 54 9.70 3.34 9.16
CA ILE A 54 10.52 2.18 8.76
C ILE A 54 11.62 2.00 9.76
N THR A 55 11.87 0.75 10.15
CA THR A 55 12.96 0.43 11.03
C THR A 55 13.92 -0.44 10.20
N VAL A 56 15.16 0.01 10.08
CA VAL A 56 16.20 -0.73 9.35
C VAL A 56 16.89 -1.65 10.30
N VAL A 57 16.78 -2.96 10.10
CA VAL A 57 17.38 -3.91 10.98
C VAL A 57 18.45 -4.76 10.28
N GLN A 58 19.66 -4.73 10.83
CA GLN A 58 20.79 -5.57 10.40
C GLN A 58 21.40 -6.40 11.53
N ASP A 59 20.73 -6.42 12.69
CA ASP A 59 21.09 -7.30 13.78
C ASP A 59 20.54 -8.72 13.61
N GLN A 60 21.38 -9.66 13.18
CA GLN A 60 20.93 -11.03 12.95
C GLN A 60 20.41 -11.74 14.21
N LYS A 61 20.87 -11.33 15.38
CA LYS A 61 20.40 -11.94 16.64
C LYS A 61 18.96 -11.62 16.92
N LEU A 62 18.63 -10.33 16.78
CA LEU A 62 17.27 -9.88 16.89
C LEU A 62 16.35 -10.58 15.81
N LEU A 63 16.78 -10.57 14.55
CA LEU A 63 16.00 -11.25 13.48
C LEU A 63 15.81 -12.75 13.77
N LYS A 64 16.85 -13.40 14.28
CA LYS A 64 16.72 -14.78 14.68
C LYS A 64 15.71 -14.93 15.81
N GLU A 65 15.79 -14.10 16.82
CA GLU A 65 14.74 -14.12 17.86
C GLU A 65 13.29 -13.95 17.40
N ILE A 66 13.07 -13.01 16.49
CA ILE A 66 11.71 -12.82 15.89
C ILE A 66 11.27 -14.06 15.13
N SER A 67 12.22 -14.63 14.36
CA SER A 67 11.97 -15.86 13.58
C SER A 67 11.59 -16.99 14.53
N ASP A 68 12.40 -17.20 15.55
CA ASP A 68 12.13 -18.28 16.53
C ASP A 68 10.80 -18.08 17.20
N ASP A 69 10.49 -16.85 17.65
CA ASP A 69 9.17 -16.66 18.32
C ASP A 69 8.03 -16.90 17.39
N THR A 70 8.17 -16.44 16.17
CA THR A 70 7.13 -16.61 15.19
C THR A 70 6.84 -18.07 14.93
N LEU A 71 7.87 -18.83 14.62
CA LEU A 71 7.67 -20.25 14.31
C LEU A 71 7.12 -21.02 15.52
N SER A 72 7.62 -20.66 16.68
CA SER A 72 7.13 -21.23 17.92
C SER A 72 5.64 -20.94 18.12
N ARG A 73 5.23 -19.69 17.95
CA ARG A 73 3.80 -19.32 18.05
C ARG A 73 2.96 -20.08 17.04
N ILE A 74 3.46 -20.18 15.80
CA ILE A 74 2.75 -20.92 14.78
C ILE A 74 2.64 -22.38 15.21
N HIS A 75 3.73 -23.01 15.64
CA HIS A 75 3.66 -24.40 16.14
C HIS A 75 2.62 -24.52 17.25
N GLU A 76 2.63 -23.64 18.25
CA GLU A 76 1.79 -23.85 19.43
C GLU A 76 0.32 -23.55 19.21
N VAL A 77 -0.02 -22.65 18.29
CA VAL A 77 -1.43 -22.24 18.13
C VAL A 77 -2.13 -23.09 17.06
N SER A 78 -1.42 -23.41 15.97
CA SER A 78 -1.98 -24.15 14.84
C SER A 78 -1.51 -25.62 14.73
N ASN A 79 -0.60 -26.03 15.61
CA ASN A 79 -0.05 -27.38 15.61
C ASN A 79 0.45 -27.90 14.25
N VAL A 80 1.22 -27.07 13.56
CA VAL A 80 1.95 -27.54 12.38
C VAL A 80 3.44 -27.64 12.76
N GLU A 81 4.13 -28.63 12.21
CA GLU A 81 5.58 -28.72 12.45
C GLU A 81 6.36 -28.10 11.25
N ILE A 82 7.16 -27.09 11.58
CA ILE A 82 8.09 -26.47 10.64
C ILE A 82 9.50 -27.00 10.95
N ASN A 83 10.29 -27.30 9.94
CA ASN A 83 11.70 -27.64 10.14
C ASN A 83 12.38 -26.55 11.00
N LYS A 84 13.10 -26.98 12.04
CA LYS A 84 13.86 -26.07 12.91
C LYS A 84 14.96 -25.28 12.19
N ASN A 85 15.38 -25.72 11.00
CA ASN A 85 16.33 -24.92 10.22
C ASN A 85 15.65 -23.75 9.44
N PHE A 86 14.33 -23.64 9.47
CA PHE A 86 13.63 -22.59 8.68
C PHE A 86 13.92 -21.15 9.21
N LYS A 87 14.13 -20.23 8.30
CA LYS A 87 14.45 -18.86 8.67
C LYS A 87 13.32 -17.99 8.13
N LEU A 88 12.58 -17.35 9.05
CA LEU A 88 11.47 -16.48 8.67
C LEU A 88 11.87 -15.43 7.60
N PHE A 89 13.06 -14.89 7.73
CA PHE A 89 13.59 -13.87 6.86
C PHE A 89 14.57 -14.38 5.83
N TYR A 90 14.60 -15.70 5.62
CA TYR A 90 15.36 -16.33 4.55
C TYR A 90 16.84 -15.94 4.60
N GLY A 91 17.37 -15.66 5.79
CA GLY A 91 18.75 -15.27 5.91
C GLY A 91 19.10 -13.94 5.26
N ALA A 92 18.14 -13.04 5.04
CA ALA A 92 18.47 -11.77 4.45
C ALA A 92 19.37 -10.96 5.39
N PRO A 93 20.36 -10.27 4.84
CA PRO A 93 21.24 -9.49 5.71
C PRO A 93 20.59 -8.21 6.31
N THR A 94 19.59 -7.66 5.62
CA THR A 94 18.83 -6.46 6.06
C THR A 94 17.32 -6.73 6.02
N VAL A 95 16.59 -6.25 7.03
CA VAL A 95 15.16 -6.24 6.95
C VAL A 95 14.61 -4.87 7.33
N LEU A 96 13.62 -4.37 6.57
CA LEU A 96 12.96 -3.13 6.80
C LEU A 96 11.56 -3.40 7.39
N PHE A 97 11.39 -3.12 8.69
CA PHE A 97 10.07 -3.31 9.36
C PHE A 97 9.21 -2.10 9.08
N ILE A 98 8.03 -2.32 8.51
CA ILE A 98 7.12 -1.27 8.10
C ILE A 98 6.01 -1.15 9.14
N SER A 99 5.82 0.06 9.65
CA SER A 99 4.74 0.36 10.57
C SER A 99 3.91 1.53 10.10
N TYR A 100 2.67 1.59 10.60
CA TYR A 100 1.73 2.59 10.19
C TYR A 100 0.75 2.98 11.28
N ASP A 101 0.22 4.15 11.07
CA ASP A 101 -0.74 4.76 11.98
C ASP A 101 -2.11 4.11 11.78
N GLU A 102 -2.52 3.42 12.78
CA GLU A 102 -3.75 2.63 12.78
C GLU A 102 -5.00 3.52 12.91
N SER A 103 -4.83 4.82 13.12
CA SER A 103 -5.95 5.74 13.08
C SER A 103 -6.00 6.56 11.79
N SER A 104 -5.21 6.19 10.76
CA SER A 104 -5.45 6.74 9.42
C SER A 104 -6.06 5.64 8.54
N SER A 105 -7.17 6.03 8.01
CA SER A 105 -7.99 5.27 7.09
C SER A 105 -7.25 4.87 5.78
N TRP A 106 -6.38 5.73 5.28
CA TRP A 106 -5.61 5.40 4.04
C TRP A 106 -4.30 4.63 4.24
N ALA A 107 -3.85 4.62 5.49
CA ALA A 107 -2.51 4.20 5.84
C ALA A 107 -2.16 2.78 5.40
N PRO A 108 -3.06 1.81 5.49
CA PRO A 108 -2.68 0.46 5.02
C PRO A 108 -2.38 0.43 3.52
N TYR A 109 -3.10 1.23 2.74
CA TYR A 109 -2.89 1.36 1.30
C TYR A 109 -1.60 2.10 1.09
N ASP A 110 -1.40 3.19 1.83
CA ASP A 110 -0.19 3.98 1.73
C ASP A 110 1.06 3.19 1.91
N ILE A 111 1.13 2.30 2.90
CA ILE A 111 2.32 1.54 3.10
C ILE A 111 2.51 0.41 2.08
N GLY A 112 1.43 -0.07 1.49
CA GLY A 112 1.61 -0.92 0.33
C GLY A 112 2.30 -0.20 -0.80
N ILE A 113 1.90 1.05 -1.04
CA ILE A 113 2.52 1.79 -2.14
C ILE A 113 4.00 1.99 -1.83
N LEU A 114 4.28 2.43 -0.62
CA LEU A 114 5.64 2.56 -0.14
C LEU A 114 6.48 1.27 -0.28
N THR A 115 5.87 0.14 0.03
CA THR A 115 6.49 -1.17 -0.09
C THR A 115 6.78 -1.51 -1.56
N GLY A 116 5.91 -1.10 -2.44
CA GLY A 116 6.08 -1.26 -3.88
C GLY A 116 7.29 -0.45 -4.37
N ASN A 117 7.40 0.77 -3.90
CA ASN A 117 8.61 1.55 -4.21
C ASN A 117 9.89 0.88 -3.75
N ILE A 118 9.89 0.35 -2.53
CA ILE A 118 11.05 -0.32 -2.00
C ILE A 118 11.38 -1.55 -2.89
N THR A 119 10.35 -2.29 -3.27
CA THR A 119 10.50 -3.57 -3.98
C THR A 119 11.13 -3.35 -5.38
N THR A 120 10.55 -2.42 -6.13
CA THR A 120 11.02 -2.03 -7.43
C THR A 120 12.39 -1.40 -7.33
N ALA A 121 12.62 -0.54 -6.34
CA ALA A 121 13.98 0.02 -6.20
C ALA A 121 15.04 -1.03 -5.95
N ALA A 122 14.81 -1.95 -5.04
CA ALA A 122 15.72 -3.06 -4.82
C ALA A 122 16.07 -3.78 -6.14
N GLN A 123 15.04 -4.10 -6.93
CA GLN A 123 15.27 -4.70 -8.24
C GLN A 123 16.18 -3.83 -9.10
N ALA A 124 15.98 -2.51 -9.05
CA ALA A 124 16.72 -1.62 -9.93
C ALA A 124 18.16 -1.52 -9.48
N LEU A 125 18.44 -1.84 -8.21
CA LEU A 125 19.79 -1.86 -7.66
C LEU A 125 20.48 -3.23 -7.81
N GLY A 126 19.84 -4.19 -8.44
CA GLY A 126 20.43 -5.51 -8.52
C GLY A 126 20.22 -6.34 -7.26
N LEU A 127 19.31 -5.92 -6.39
CA LEU A 127 19.04 -6.65 -5.17
C LEU A 127 17.69 -7.38 -5.40
N GLY A 128 17.22 -8.03 -4.36
CA GLY A 128 15.96 -8.80 -4.39
C GLY A 128 15.31 -8.62 -3.00
N SER A 129 14.02 -8.92 -2.92
CA SER A 129 13.33 -8.88 -1.64
C SER A 129 12.18 -9.86 -1.53
N CYS A 130 11.74 -10.08 -0.33
CA CYS A 130 10.52 -10.77 -0.03
C CYS A 130 9.87 -10.06 1.15
N ILE A 131 8.59 -9.84 1.06
CA ILE A 131 7.84 -9.26 2.14
C ILE A 131 7.53 -10.38 3.14
N ILE A 132 7.52 -10.06 4.41
CA ILE A 132 7.43 -11.05 5.46
C ILE A 132 6.36 -10.63 6.45
N GLY A 133 5.31 -11.43 6.56
CA GLY A 133 4.19 -11.09 7.44
C GLY A 133 4.56 -11.29 8.88
N MET A 134 4.20 -10.33 9.73
CA MET A 134 4.46 -10.45 11.16
C MET A 134 3.26 -10.99 11.94
N VAL A 135 3.51 -11.76 13.00
CA VAL A 135 2.46 -12.18 13.92
C VAL A 135 2.01 -10.98 14.74
N ARG A 136 0.79 -10.51 14.52
CA ARG A 136 0.28 -9.37 15.25
C ARG A 136 0.50 -9.45 16.72
N GLY A 137 0.18 -10.61 17.32
CA GLY A 137 0.33 -10.84 18.75
C GLY A 137 1.70 -10.57 19.34
N LEU A 138 2.74 -10.63 18.53
CA LEU A 138 4.10 -10.37 19.00
C LEU A 138 4.44 -8.89 18.96
N PHE A 139 3.67 -8.07 18.21
CA PHE A 139 4.06 -6.67 18.03
C PHE A 139 2.99 -5.66 18.47
N THR A 140 1.95 -6.16 19.09
CA THR A 140 0.90 -5.28 19.52
C THR A 140 1.41 -4.47 20.67
N PRO A 141 0.94 -3.25 20.74
CA PRO A 141 1.22 -2.43 21.91
C PRO A 141 0.58 -3.08 23.13
N VAL A 142 1.20 -2.87 24.24
CA VAL A 142 0.78 -3.43 25.47
C VAL A 142 -0.65 -3.04 25.90
N GLU A 143 -1.08 -1.86 25.57
CA GLU A 143 -2.42 -1.39 25.86
C GLU A 143 -3.47 -2.03 24.99
N GLN A 144 -3.11 -2.75 23.93
CA GLN A 144 -4.12 -3.43 23.13
C GLN A 144 -4.38 -4.86 23.56
N GLY A 145 -4.78 -5.05 24.81
CA GLY A 145 -5.12 -6.40 25.30
C GLY A 145 -4.25 -7.05 26.34
N ASP A 146 -3.00 -6.64 26.44
CA ASP A 146 -2.15 -7.17 27.48
C ASP A 146 -2.47 -6.70 28.92
N ILE A 147 -3.09 -5.52 29.13
CA ILE A 147 -3.21 -5.06 30.46
C ILE A 147 -4.20 -5.96 31.25
N GLU A 148 -5.42 -6.09 30.73
CA GLU A 148 -6.47 -6.94 31.34
C GLU A 148 -5.98 -8.41 31.39
N GLY A 149 -5.08 -8.77 30.49
CA GLY A 149 -4.39 -10.08 30.55
C GLY A 149 -3.58 -10.22 31.83
N LEU A 150 -2.74 -9.25 32.12
CA LEU A 150 -1.96 -9.30 33.34
C LEU A 150 -2.91 -9.25 34.54
N VAL A 151 -3.97 -8.47 34.45
CA VAL A 151 -4.91 -8.38 35.58
C VAL A 151 -5.52 -9.71 35.89
N SER A 152 -6.00 -10.39 34.88
CA SER A 152 -6.69 -11.65 35.07
C SER A 152 -5.74 -12.74 35.62
N VAL A 153 -4.50 -12.69 35.21
CA VAL A 153 -3.48 -13.62 35.65
C VAL A 153 -3.22 -13.58 37.14
N LEU A 154 -3.43 -12.45 37.78
CA LEU A 154 -3.25 -12.28 39.21
C LEU A 154 -4.13 -13.19 39.97
N ASP A 155 -5.36 -13.38 39.50
CA ASP A 155 -6.27 -14.29 40.18
C ASP A 155 -6.28 -15.69 39.58
N LYS A 156 -5.24 -16.03 38.85
CA LYS A 156 -5.02 -17.35 38.31
C LYS A 156 -3.59 -17.64 38.68
N GLU A 157 -3.30 -17.67 39.98
CA GLU A 157 -1.91 -17.83 40.40
C GLU A 157 -1.36 -19.17 39.88
N ASP A 158 -0.21 -19.08 39.23
CA ASP A 158 0.47 -20.14 38.50
C ASP A 158 -0.17 -21.28 37.75
N VAL A 159 -0.58 -20.88 36.56
CA VAL A 159 -1.09 -21.73 35.50
C VAL A 159 -0.25 -21.41 34.22
N LYS A 160 -0.16 -22.37 33.30
CA LYS A 160 0.58 -22.19 32.06
C LYS A 160 0.07 -21.03 31.24
N GLU A 161 -1.25 -20.90 31.13
CA GLU A 161 -1.85 -19.82 30.38
C GLU A 161 -1.36 -18.51 31.03
N SER A 162 -1.14 -18.56 32.33
CA SER A 162 -0.59 -17.41 33.03
C SER A 162 0.83 -17.00 32.67
N GLU A 163 1.70 -17.97 32.50
CA GLU A 163 3.08 -17.67 32.15
C GLU A 163 3.21 -17.07 30.71
N SER A 164 2.44 -17.58 29.77
CA SER A 164 2.42 -17.07 28.41
C SER A 164 1.86 -15.62 28.26
N ILE A 165 0.94 -15.22 29.13
CA ILE A 165 0.53 -13.81 29.17
C ILE A 165 1.67 -12.87 29.61
N LYS A 166 2.48 -13.29 30.57
CA LYS A 166 3.63 -12.50 30.98
C LYS A 166 4.69 -12.39 29.86
N MET A 167 4.91 -13.49 29.14
CA MET A 167 5.89 -13.51 28.04
C MET A 167 5.43 -12.62 26.89
N LYS A 168 4.16 -12.71 26.50
CA LYS A 168 3.56 -11.88 25.48
C LYS A 168 3.81 -10.39 25.80
N PHE A 169 3.50 -9.97 27.03
CA PHE A 169 3.74 -8.58 27.46
C PHE A 169 5.22 -8.20 27.30
N ASP A 170 6.11 -9.03 27.81
CA ASP A 170 7.52 -8.76 27.70
C ASP A 170 8.03 -8.75 26.25
N THR A 171 7.48 -9.63 25.44
CA THR A 171 7.88 -9.70 24.02
C THR A 171 7.39 -8.46 23.32
N ASN A 172 6.11 -8.14 23.48
CA ASN A 172 5.53 -6.94 22.91
C ASN A 172 6.29 -5.64 23.26
N LYS A 173 6.62 -5.48 24.53
CA LYS A 173 7.39 -4.35 25.00
C LYS A 173 8.76 -4.37 24.34
N LYS A 174 9.44 -5.51 24.37
CA LYS A 174 10.79 -5.63 23.84
C LYS A 174 10.89 -5.26 22.32
N TYR A 175 10.04 -5.89 21.51
CA TYR A 175 10.08 -5.67 20.07
C TYR A 175 9.67 -4.27 19.69
N ARG A 176 8.67 -3.71 20.35
CA ARG A 176 8.27 -2.36 20.01
C ARG A 176 9.34 -1.37 20.39
N GLU A 177 10.06 -1.61 21.48
CA GLU A 177 11.13 -0.66 21.90
C GLU A 177 12.33 -0.82 21.02
N LEU A 178 12.76 -2.05 20.78
CA LEU A 178 13.96 -2.24 19.95
C LEU A 178 13.80 -1.67 18.52
N LEU A 179 12.60 -1.78 17.99
CA LEU A 179 12.31 -1.32 16.62
C LEU A 179 11.84 0.14 16.59
N ASP A 180 11.68 0.72 17.77
CA ASP A 180 11.34 2.10 17.90
C ASP A 180 10.06 2.41 17.17
N ILE A 181 9.09 1.54 17.41
CA ILE A 181 7.78 1.69 16.80
C ILE A 181 7.03 2.87 17.40
N PRO A 182 6.54 3.80 16.57
CA PRO A 182 5.83 4.89 17.17
C PRO A 182 4.55 4.42 17.91
N GLU A 183 4.08 5.28 18.82
CA GLU A 183 2.91 5.04 19.65
C GLU A 183 1.73 4.94 18.74
N GLY A 184 0.91 3.92 18.89
CA GLY A 184 -0.33 3.86 18.10
C GLY A 184 -0.12 3.29 16.69
N TYR A 185 1.11 2.74 16.45
CA TYR A 185 1.42 2.20 15.12
C TYR A 185 1.36 0.69 15.17
N SER A 186 0.85 0.12 14.11
CA SER A 186 0.85 -1.32 13.95
C SER A 186 2.04 -1.70 13.02
N VAL A 187 2.56 -2.90 13.22
CA VAL A 187 3.73 -3.43 12.44
C VAL A 187 3.31 -4.70 11.67
N PRO A 188 2.72 -4.54 10.49
CA PRO A 188 2.13 -5.74 9.85
C PRO A 188 3.12 -6.63 9.11
N PHE A 189 4.23 -6.07 8.59
CA PHE A 189 5.18 -6.86 7.92
C PHE A 189 6.55 -6.19 7.87
N GLY A 190 7.56 -6.99 7.56
CA GLY A 190 8.87 -6.48 7.15
C GLY A 190 9.19 -6.85 5.71
N ILE A 191 10.27 -6.25 5.20
CA ILE A 191 10.78 -6.54 3.84
C ILE A 191 12.18 -7.02 3.96
N ALA A 192 12.41 -8.29 3.67
CA ALA A 192 13.75 -8.82 3.70
C ALA A 192 14.46 -8.42 2.43
N VAL A 193 15.62 -7.81 2.58
CA VAL A 193 16.35 -7.31 1.41
C VAL A 193 17.77 -7.90 1.39
N GLY A 194 18.22 -8.31 0.20
CA GLY A 194 19.58 -8.82 0.02
C GLY A 194 20.01 -9.03 -1.42
N ILE A 195 21.20 -9.59 -1.57
CA ILE A 195 21.73 -9.95 -2.87
C ILE A 195 21.27 -11.36 -3.18
N PRO A 196 20.50 -11.54 -4.26
CA PRO A 196 19.98 -12.90 -4.53
C PRO A 196 21.12 -13.89 -4.87
N ASP A 197 21.02 -15.09 -4.32
CA ASP A 197 21.88 -16.18 -4.58
C ASP A 197 21.28 -17.02 -5.71
N GLY A 198 21.88 -16.93 -6.87
CA GLY A 198 21.50 -17.76 -8.01
C GLY A 198 20.63 -16.97 -8.93
N ASN A 199 20.09 -17.64 -9.93
CA ASN A 199 19.30 -16.96 -10.93
C ASN A 199 17.97 -16.62 -10.31
N LEU A 200 17.38 -15.59 -10.87
CA LEU A 200 16.07 -15.10 -10.44
C LEU A 200 14.96 -16.11 -10.89
N PRO A 201 13.90 -16.29 -10.07
CA PRO A 201 12.76 -17.09 -10.52
C PRO A 201 12.12 -16.50 -11.76
N ASN A 202 11.50 -17.34 -12.55
CA ASN A 202 10.84 -16.86 -13.76
C ASN A 202 9.70 -15.90 -13.47
N ALA A 203 9.50 -15.03 -14.41
CA ALA A 203 8.49 -14.02 -14.30
C ALA A 203 7.11 -14.67 -14.06
N ARG A 204 6.24 -14.00 -13.30
CA ARG A 204 4.87 -14.47 -13.15
C ARG A 204 4.11 -14.42 -14.51
N GLU A 205 3.30 -15.44 -14.73
CA GLU A 205 2.36 -15.43 -15.85
C GLU A 205 1.12 -14.77 -15.24
N VAL A 206 0.87 -13.53 -15.60
CA VAL A 206 -0.11 -12.75 -14.88
C VAL A 206 -1.51 -13.18 -15.25
N VAL A 207 -2.41 -12.96 -14.32
CA VAL A 207 -3.80 -13.18 -14.49
C VAL A 207 -4.53 -11.85 -14.51
N TYR A 208 -5.28 -11.58 -15.57
CA TYR A 208 -5.97 -10.28 -15.77
C TYR A 208 -7.35 -10.23 -15.12
N LYS A 209 -7.39 -9.72 -13.88
CA LYS A 209 -8.60 -9.71 -13.11
C LYS A 209 -9.21 -8.34 -13.33
N VAL A 210 -9.82 -8.22 -14.52
CA VAL A 210 -10.19 -6.92 -15.10
C VAL A 210 -11.62 -6.91 -15.69
N SER A 211 -12.33 -5.80 -15.52
CA SER A 211 -13.58 -5.48 -16.26
C SER A 211 -13.35 -4.23 -17.07
N ARG A 212 -14.06 -4.07 -18.19
CA ARG A 212 -13.97 -2.84 -19.02
C ARG A 212 -15.31 -2.19 -19.30
N VAL A 213 -15.26 -0.87 -19.53
CA VAL A 213 -16.39 -0.08 -20.02
C VAL A 213 -15.92 0.97 -21.06
N ASP B 7 23.35 6.75 -12.73
CA ASP B 7 22.07 7.40 -13.16
C ASP B 7 21.08 6.35 -13.59
N ASN B 8 20.53 5.66 -12.60
CA ASN B 8 19.50 4.66 -12.85
C ASN B 8 18.11 5.28 -13.14
N GLN B 9 17.52 4.99 -14.29
CA GLN B 9 16.28 5.60 -14.68
C GLN B 9 15.11 5.21 -13.74
N THR B 10 15.06 3.96 -13.27
CA THR B 10 13.95 3.52 -12.46
C THR B 10 14.00 4.26 -11.06
N ILE B 11 15.18 4.35 -10.46
CA ILE B 11 15.37 5.07 -9.22
C ILE B 11 14.93 6.52 -9.33
N ASN B 12 15.35 7.20 -10.41
CA ASN B 12 15.03 8.63 -10.63
C ASN B 12 13.55 8.86 -10.86
N LEU B 13 12.88 7.94 -11.55
CA LEU B 13 11.43 7.99 -11.62
C LEU B 13 10.71 7.86 -10.26
N ILE B 14 11.08 6.89 -9.45
CA ILE B 14 10.38 6.70 -8.18
C ILE B 14 10.60 7.96 -7.30
N GLN B 15 11.81 8.48 -7.34
CA GLN B 15 12.22 9.57 -6.49
C GLN B 15 11.64 10.89 -6.97
N SER B 16 11.24 10.98 -8.24
CA SER B 16 10.71 12.25 -8.80
C SER B 16 9.23 12.28 -9.01
N ARG B 17 8.59 11.21 -8.58
CA ARG B 17 7.14 11.05 -8.82
C ARG B 17 6.30 12.09 -8.13
N ARG B 18 5.32 12.64 -8.85
CA ARG B 18 4.32 13.47 -8.22
C ARG B 18 2.93 13.08 -8.71
N SER B 19 1.94 13.45 -7.93
CA SER B 19 0.54 13.35 -8.36
C SER B 19 0.24 14.40 -9.42
N ILE B 20 -0.20 13.96 -10.60
CA ILE B 20 -0.53 14.85 -11.68
C ILE B 20 -2.01 15.11 -11.74
N ARG B 21 -2.38 16.38 -11.84
CA ARG B 21 -3.80 16.74 -11.83
C ARG B 21 -4.18 17.67 -13.01
N LYS B 22 -3.44 17.63 -14.09
CA LYS B 22 -3.84 18.31 -15.33
C LYS B 22 -3.33 17.50 -16.50
N PHE B 23 -4.22 17.13 -17.39
CA PHE B 23 -3.94 16.21 -18.45
C PHE B 23 -4.40 16.77 -19.78
N THR B 24 -3.76 16.35 -20.87
CA THR B 24 -4.22 16.73 -22.22
C THR B 24 -5.47 15.94 -22.45
N THR B 25 -6.12 16.22 -23.59
CA THR B 25 -7.36 15.57 -23.98
C THR B 25 -7.11 14.25 -24.71
N GLU B 26 -5.84 13.94 -25.04
CA GLU B 26 -5.50 12.71 -25.76
C GLU B 26 -5.66 11.43 -24.90
N GLN B 27 -6.40 10.47 -25.41
CA GLN B 27 -6.61 9.17 -24.82
C GLN B 27 -5.33 8.36 -24.88
N ILE B 28 -5.07 7.57 -23.84
CA ILE B 28 -3.89 6.71 -23.83
C ILE B 28 -4.21 5.52 -24.72
N SER B 29 -3.17 4.89 -25.25
CA SER B 29 -3.36 3.78 -26.18
C SER B 29 -3.69 2.49 -25.45
N ASP B 30 -4.42 1.60 -26.12
CA ASP B 30 -4.77 0.29 -25.58
C ASP B 30 -3.57 -0.51 -25.04
N GLU B 31 -2.43 -0.36 -25.69
CA GLU B 31 -1.19 -1.01 -25.29
C GLU B 31 -0.62 -0.42 -23.97
N GLN B 32 -0.77 0.88 -23.80
CA GLN B 32 -0.46 1.53 -22.53
C GLN B 32 -1.37 0.97 -21.46
N VAL B 33 -2.67 0.94 -21.75
CA VAL B 33 -3.63 0.38 -20.80
C VAL B 33 -3.19 -1.04 -20.43
N ASN B 34 -2.86 -1.84 -21.42
CA ASN B 34 -2.47 -3.20 -21.14
C ASN B 34 -1.20 -3.35 -20.35
N THR B 35 -0.21 -2.52 -20.65
CA THR B 35 1.03 -2.52 -19.88
C THR B 35 0.76 -2.16 -18.36
N LEU B 36 -0.03 -1.14 -18.14
CA LEU B 36 -0.44 -0.75 -16.78
C LEU B 36 -1.07 -1.92 -16.03
N LEU B 37 -1.90 -2.68 -16.72
CA LEU B 37 -2.54 -3.86 -16.12
C LEU B 37 -1.57 -4.95 -15.83
N HIS B 38 -0.70 -5.21 -16.80
CA HIS B 38 0.26 -6.30 -16.65
C HIS B 38 1.09 -5.96 -15.40
N CYS B 39 1.57 -4.74 -15.29
CA CYS B 39 2.33 -4.27 -14.11
C CYS B 39 1.54 -4.39 -12.81
N ALA B 40 0.32 -3.95 -12.83
CA ALA B 40 -0.53 -4.06 -11.68
C ALA B 40 -0.59 -5.48 -11.20
N PHE B 41 -0.83 -6.38 -12.14
CA PHE B 41 -1.12 -7.76 -11.84
C PHE B 41 0.16 -8.58 -11.59
N ALA B 42 1.30 -7.93 -11.67
CA ALA B 42 2.59 -8.56 -11.30
C ALA B 42 3.03 -8.29 -9.87
N ALA B 43 2.19 -7.63 -9.09
CA ALA B 43 2.58 -7.22 -7.73
C ALA B 43 2.63 -8.45 -6.81
N PRO B 44 3.47 -8.39 -5.78
CA PRO B 44 3.42 -9.40 -4.75
C PRO B 44 2.05 -9.43 -4.09
N SER B 45 1.69 -10.55 -3.50
CA SER B 45 0.41 -10.62 -2.81
C SER B 45 0.49 -11.60 -1.65
N GLY B 46 -0.05 -11.25 -0.50
CA GLY B 46 0.03 -12.11 0.68
C GLY B 46 -0.74 -13.44 0.36
N CYS B 47 -0.07 -14.55 0.61
CA CYS B 47 -0.53 -15.92 0.28
C CYS B 47 -0.76 -16.19 -1.20
N ASN B 48 -0.26 -15.35 -2.10
CA ASN B 48 -0.57 -15.39 -3.50
C ASN B 48 -2.07 -15.41 -3.81
N LYS B 49 -2.88 -14.73 -2.99
CA LYS B 49 -4.30 -14.61 -3.23
C LYS B 49 -4.62 -13.77 -4.43
N GLN B 50 -3.82 -12.74 -4.68
CA GLN B 50 -4.09 -11.77 -5.71
C GLN B 50 -5.53 -11.32 -5.65
N PRO B 51 -5.98 -10.82 -4.50
CA PRO B 51 -7.41 -10.58 -4.25
C PRO B 51 -7.92 -9.26 -4.75
N TRP B 52 -7.62 -8.91 -5.97
CA TRP B 52 -7.85 -7.61 -6.47
C TRP B 52 -8.65 -7.67 -7.76
N HIS B 53 -9.08 -6.50 -8.18
CA HIS B 53 -9.80 -6.35 -9.44
C HIS B 53 -9.62 -4.94 -9.89
N ILE B 54 -9.59 -4.77 -11.20
CA ILE B 54 -9.52 -3.45 -11.78
C ILE B 54 -10.67 -3.26 -12.77
N THR B 55 -11.34 -2.11 -12.72
CA THR B 55 -12.31 -1.75 -13.74
C THR B 55 -11.76 -0.58 -14.52
N VAL B 56 -11.50 -0.78 -15.81
CA VAL B 56 -11.01 0.29 -16.72
C VAL B 56 -12.22 1.07 -17.23
N VAL B 57 -12.22 2.39 -17.00
CA VAL B 57 -13.27 3.27 -17.53
C VAL B 57 -12.67 4.36 -18.39
N GLN B 58 -13.11 4.42 -19.67
CA GLN B 58 -12.76 5.53 -20.57
C GLN B 58 -13.97 6.33 -21.09
N ASP B 59 -15.16 5.97 -20.62
CA ASP B 59 -16.38 6.62 -21.02
C ASP B 59 -16.52 7.91 -20.19
N GLN B 60 -16.30 9.05 -20.80
CA GLN B 60 -16.44 10.34 -20.08
C GLN B 60 -17.82 10.65 -19.48
N LYS B 61 -18.88 10.09 -20.08
CA LYS B 61 -20.25 10.24 -19.61
C LYS B 61 -20.40 9.57 -18.26
N LEU B 62 -19.88 8.34 -18.15
CA LEU B 62 -19.93 7.61 -16.89
C LEU B 62 -19.11 8.34 -15.83
N LEU B 63 -17.93 8.82 -16.22
CA LEU B 63 -17.04 9.48 -15.24
C LEU B 63 -17.68 10.76 -14.66
N LYS B 64 -18.36 11.50 -15.52
CA LYS B 64 -19.13 12.67 -15.10
C LYS B 64 -20.20 12.30 -14.08
N GLU B 65 -20.94 11.23 -14.34
CA GLU B 65 -22.02 10.83 -13.42
C GLU B 65 -21.43 10.45 -12.06
N ILE B 66 -20.26 9.78 -12.10
CA ILE B 66 -19.55 9.33 -10.86
C ILE B 66 -19.08 10.53 -10.07
N SER B 67 -18.48 11.46 -10.79
CA SER B 67 -18.03 12.71 -10.24
C SER B 67 -19.22 13.45 -9.66
N ASP B 68 -20.25 13.70 -10.45
CA ASP B 68 -21.50 14.31 -9.86
C ASP B 68 -22.04 13.59 -8.60
N ASP B 69 -22.17 12.27 -8.67
CA ASP B 69 -22.75 11.52 -7.54
C ASP B 69 -21.87 11.57 -6.32
N THR B 70 -20.56 11.61 -6.52
CA THR B 70 -19.66 11.77 -5.37
C THR B 70 -19.93 13.09 -4.66
N LEU B 71 -20.08 14.14 -5.42
CA LEU B 71 -20.43 15.47 -4.89
C LEU B 71 -21.82 15.51 -4.21
N SER B 72 -22.78 14.82 -4.80
CA SER B 72 -24.13 14.75 -4.20
C SER B 72 -24.04 13.99 -2.90
N ARG B 73 -23.20 12.95 -2.93
CA ARG B 73 -23.08 12.14 -1.76
C ARG B 73 -22.52 13.00 -0.62
N ILE B 74 -21.58 13.87 -0.94
CA ILE B 74 -20.97 14.73 0.08
C ILE B 74 -22.04 15.67 0.64
N HIS B 75 -22.85 16.22 -0.24
CA HIS B 75 -23.86 17.17 0.15
C HIS B 75 -24.93 16.56 1.09
N GLU B 76 -25.29 15.30 0.85
CA GLU B 76 -26.18 14.49 1.74
C GLU B 76 -25.78 14.52 3.23
N VAL B 77 -24.50 14.47 3.52
CA VAL B 77 -24.01 14.25 4.87
C VAL B 77 -23.45 15.52 5.49
N SER B 78 -23.47 16.62 4.74
CA SER B 78 -22.93 17.91 5.24
C SER B 78 -23.54 19.15 4.57
N ASN B 79 -23.12 20.30 5.09
CA ASN B 79 -23.52 21.57 4.52
C ASN B 79 -22.71 22.02 3.25
N VAL B 80 -21.75 21.22 2.73
CA VAL B 80 -20.90 21.70 1.62
C VAL B 80 -21.45 21.31 0.25
N GLU B 81 -21.81 22.31 -0.54
CA GLU B 81 -22.35 22.15 -1.89
C GLU B 81 -21.20 22.46 -2.85
N ILE B 82 -20.73 21.43 -3.55
CA ILE B 82 -19.64 21.58 -4.51
C ILE B 82 -20.26 21.64 -5.86
N ASN B 83 -19.74 22.58 -6.65
CA ASN B 83 -20.20 22.86 -7.98
C ASN B 83 -20.02 21.67 -8.92
N LYS B 84 -21.07 21.21 -9.55
CA LYS B 84 -20.96 20.03 -10.44
C LYS B 84 -20.03 20.19 -11.67
N ASN B 85 -19.57 21.39 -12.00
CA ASN B 85 -18.63 21.52 -13.14
C ASN B 85 -17.26 20.93 -12.79
N PHE B 86 -16.94 20.94 -11.49
CA PHE B 86 -15.69 20.42 -10.96
C PHE B 86 -15.46 18.99 -11.44
N LYS B 87 -14.25 18.71 -11.90
CA LYS B 87 -13.94 17.38 -12.40
C LYS B 87 -13.21 16.58 -11.34
N LEU B 88 -13.87 15.57 -10.80
CA LEU B 88 -13.29 14.78 -9.72
C LEU B 88 -12.03 14.07 -10.18
N PHE B 89 -11.96 13.69 -11.45
CA PHE B 89 -10.81 13.00 -11.95
C PHE B 89 -9.84 13.87 -12.73
N TYR B 90 -9.97 15.20 -12.58
CA TYR B 90 -9.07 16.15 -13.21
C TYR B 90 -9.06 16.02 -14.76
N GLY B 91 -10.15 15.57 -15.34
CA GLY B 91 -10.25 15.39 -16.78
C GLY B 91 -9.39 14.29 -17.34
N ALA B 92 -8.92 13.36 -16.50
CA ALA B 92 -8.16 12.24 -17.08
C ALA B 92 -9.05 11.40 -18.02
N PRO B 93 -8.47 10.92 -19.15
CA PRO B 93 -9.26 10.17 -20.12
C PRO B 93 -9.49 8.70 -19.74
N THR B 94 -8.63 8.17 -18.86
CA THR B 94 -8.79 6.83 -18.30
C THR B 94 -8.75 6.85 -16.77
N VAL B 95 -9.68 6.15 -16.14
CA VAL B 95 -9.70 5.96 -14.71
C VAL B 95 -9.77 4.44 -14.44
N LEU B 96 -8.94 3.98 -13.51
CA LEU B 96 -8.85 2.55 -13.12
C LEU B 96 -9.44 2.45 -11.75
N PHE B 97 -10.58 1.79 -11.60
CA PHE B 97 -11.17 1.66 -10.28
C PHE B 97 -10.65 0.42 -9.66
N ILE B 98 -10.10 0.56 -8.46
CA ILE B 98 -9.43 -0.53 -7.79
C ILE B 98 -10.37 -1.07 -6.74
N SER B 99 -10.57 -2.39 -6.73
CA SER B 99 -11.39 -3.06 -5.76
C SER B 99 -10.73 -4.31 -5.22
N TYR B 100 -11.18 -4.78 -4.05
CA TYR B 100 -10.52 -5.95 -3.46
C TYR B 100 -11.35 -6.69 -2.46
N ASP B 101 -10.96 -7.95 -2.24
CA ASP B 101 -11.61 -8.81 -1.29
C ASP B 101 -11.13 -8.55 0.12
N GLU B 102 -12.00 -8.03 0.96
CA GLU B 102 -11.69 -7.86 2.37
C GLU B 102 -11.38 -9.16 3.14
N SER B 103 -11.88 -10.30 2.64
CA SER B 103 -11.61 -11.63 3.23
C SER B 103 -10.15 -11.91 3.48
N SER B 104 -9.26 -11.47 2.58
CA SER B 104 -7.84 -11.72 2.78
C SER B 104 -7.31 -10.61 3.69
N SER B 105 -6.76 -11.00 4.82
CA SER B 105 -6.07 -10.12 5.74
C SER B 105 -4.95 -9.25 5.15
N TRP B 106 -4.26 -9.74 4.12
CA TRP B 106 -3.15 -9.04 3.50
C TRP B 106 -3.63 -8.06 2.43
N ALA B 107 -4.90 -8.16 2.03
CA ALA B 107 -5.37 -7.46 0.82
C ALA B 107 -5.16 -5.93 0.72
N PRO B 108 -5.33 -5.20 1.83
CA PRO B 108 -5.11 -3.74 1.72
C PRO B 108 -3.68 -3.42 1.37
N TYR B 109 -2.75 -4.22 1.88
CA TYR B 109 -1.37 -3.97 1.56
C TYR B 109 -1.11 -4.36 0.12
N ASP B 110 -1.63 -5.52 -0.32
CA ASP B 110 -1.49 -6.00 -1.70
C ASP B 110 -1.94 -4.90 -2.65
N ILE B 111 -3.08 -4.33 -2.35
CA ILE B 111 -3.70 -3.33 -3.21
C ILE B 111 -2.85 -2.05 -3.29
N GLY B 112 -2.24 -1.66 -2.19
CA GLY B 112 -1.27 -0.52 -2.21
C GLY B 112 -0.10 -0.81 -3.18
N ILE B 113 0.41 -2.02 -3.13
CA ILE B 113 1.54 -2.40 -3.96
C ILE B 113 1.13 -2.45 -5.41
N LEU B 114 -0.04 -3.05 -5.68
CA LEU B 114 -0.59 -2.99 -7.01
C LEU B 114 -0.71 -1.56 -7.50
N THR B 115 -1.25 -0.69 -6.66
CA THR B 115 -1.38 0.74 -7.00
C THR B 115 -0.05 1.47 -7.26
N GLY B 116 0.94 1.15 -6.48
CA GLY B 116 2.30 1.62 -6.72
C GLY B 116 2.88 1.16 -8.06
N ASN B 117 2.66 -0.09 -8.42
CA ASN B 117 3.17 -0.63 -9.65
C ASN B 117 2.52 0.16 -10.79
N ILE B 118 1.22 0.39 -10.71
CA ILE B 118 0.55 1.18 -11.75
C ILE B 118 1.10 2.61 -11.86
N THR B 119 1.27 3.25 -10.71
CA THR B 119 1.78 4.59 -10.57
C THR B 119 3.16 4.72 -11.24
N THR B 120 4.08 3.83 -10.88
CA THR B 120 5.41 3.85 -11.44
C THR B 120 5.38 3.48 -12.92
N ALA B 121 4.57 2.49 -13.28
CA ALA B 121 4.52 2.11 -14.69
C ALA B 121 4.04 3.27 -15.52
N ALA B 122 3.05 4.03 -15.02
CA ALA B 122 2.56 5.19 -15.74
C ALA B 122 3.66 6.21 -16.01
N GLN B 123 4.47 6.51 -15.00
CA GLN B 123 5.61 7.37 -15.22
C GLN B 123 6.51 6.83 -16.31
N ALA B 124 6.75 5.52 -16.28
CA ALA B 124 7.71 4.93 -17.16
C ALA B 124 7.29 5.05 -18.61
N LEU B 125 5.98 5.09 -18.86
CA LEU B 125 5.38 5.20 -20.16
C LEU B 125 5.20 6.63 -20.66
N GLY B 126 5.71 7.63 -19.95
CA GLY B 126 5.50 9.01 -20.35
C GLY B 126 4.17 9.54 -19.90
N LEU B 127 3.53 8.85 -18.93
CA LEU B 127 2.26 9.25 -18.43
C LEU B 127 2.37 9.84 -17.01
N GLY B 128 1.22 10.11 -16.39
CA GLY B 128 1.10 10.61 -15.07
C GLY B 128 -0.23 10.16 -14.51
N SER B 129 -0.38 10.31 -13.19
CA SER B 129 -1.53 9.75 -12.45
C SER B 129 -1.80 10.43 -11.12
N CYS B 130 -3.05 10.37 -10.68
CA CYS B 130 -3.43 10.81 -9.39
C CYS B 130 -4.37 9.77 -8.83
N ILE B 131 -4.07 9.29 -7.61
CA ILE B 131 -5.00 8.43 -6.91
C ILE B 131 -6.20 9.26 -6.42
N ILE B 132 -7.40 8.78 -6.67
CA ILE B 132 -8.63 9.54 -6.29
C ILE B 132 -9.40 8.73 -5.25
N GLY B 133 -9.19 9.07 -3.97
CA GLY B 133 -9.83 8.38 -2.83
C GLY B 133 -11.26 8.81 -2.54
N MET B 134 -11.68 9.93 -3.09
CA MET B 134 -12.98 10.44 -2.79
C MET B 134 -14.08 9.48 -3.26
N VAL B 135 -13.80 8.64 -4.24
CA VAL B 135 -14.77 7.73 -4.77
C VAL B 135 -15.23 6.70 -3.77
N ARG B 136 -14.44 6.40 -2.76
CA ARG B 136 -14.87 5.39 -1.80
C ARG B 136 -16.14 5.84 -1.13
N GLY B 137 -16.38 7.16 -1.07
CA GLY B 137 -17.56 7.69 -0.45
C GLY B 137 -18.85 7.33 -1.19
N LEU B 138 -18.74 6.82 -2.41
CA LEU B 138 -19.89 6.27 -3.12
C LEU B 138 -20.38 4.90 -2.59
N PHE B 139 -19.51 4.16 -1.87
CA PHE B 139 -19.79 2.81 -1.42
C PHE B 139 -19.89 2.66 0.07
N THR B 140 -19.34 3.60 0.81
CA THR B 140 -19.30 3.54 2.21
C THR B 140 -19.60 4.94 2.70
N PRO B 141 -19.93 5.07 3.98
CA PRO B 141 -20.29 6.39 4.45
C PRO B 141 -19.16 7.40 4.24
N VAL B 142 -19.55 8.55 3.70
CA VAL B 142 -18.63 9.63 3.38
C VAL B 142 -17.89 10.05 4.63
N GLU B 143 -16.59 10.19 4.53
CA GLU B 143 -15.80 10.50 5.69
C GLU B 143 -15.51 11.98 5.72
N GLN B 144 -15.44 12.51 6.92
CA GLN B 144 -15.26 13.94 7.13
C GLN B 144 -13.93 14.45 6.63
N GLY B 145 -12.89 13.69 6.88
CA GLY B 145 -11.52 14.02 6.46
C GLY B 145 -11.39 14.08 4.95
N ASP B 146 -12.12 13.22 4.25
CA ASP B 146 -12.11 13.23 2.78
C ASP B 146 -12.70 14.52 2.27
N ILE B 147 -13.76 14.97 2.93
CA ILE B 147 -14.44 16.19 2.52
C ILE B 147 -13.51 17.35 2.67
N GLU B 148 -12.84 17.42 3.81
CA GLU B 148 -11.96 18.52 4.06
C GLU B 148 -10.77 18.45 3.11
N GLY B 149 -10.29 17.23 2.81
CA GLY B 149 -9.21 16.99 1.84
C GLY B 149 -9.56 17.58 0.49
N LEU B 150 -10.78 17.29 0.03
CA LEU B 150 -11.26 17.86 -1.22
C LEU B 150 -11.53 19.41 -1.19
N VAL B 151 -12.24 19.92 -0.17
CA VAL B 151 -12.47 21.36 -0.05
C VAL B 151 -11.14 22.15 -0.10
N SER B 152 -10.06 21.60 0.49
CA SER B 152 -8.75 22.25 0.49
C SER B 152 -8.23 22.59 -0.90
N VAL B 153 -8.59 21.80 -1.91
CA VAL B 153 -8.10 22.01 -3.25
C VAL B 153 -9.08 22.68 -4.27
N LEU B 154 -10.18 23.30 -3.83
CA LEU B 154 -11.18 23.85 -4.74
C LEU B 154 -11.10 25.33 -4.84
N ASP B 155 -11.40 25.83 -6.00
CA ASP B 155 -11.54 27.25 -6.09
C ASP B 155 -12.64 27.58 -5.15
N LYS B 156 -12.48 28.68 -4.46
CA LYS B 156 -13.46 29.10 -3.48
C LYS B 156 -14.79 29.40 -4.19
N GLU B 157 -14.71 29.88 -5.43
CA GLU B 157 -15.92 30.03 -6.28
C GLU B 157 -16.70 28.72 -6.50
N ASP B 158 -16.01 27.59 -6.40
CA ASP B 158 -16.65 26.29 -6.58
C ASP B 158 -17.38 25.73 -5.36
N VAL B 159 -17.30 26.40 -4.22
CA VAL B 159 -17.88 25.86 -2.98
C VAL B 159 -18.82 26.83 -2.30
N LYS B 160 -19.99 26.33 -1.90
CA LYS B 160 -20.85 27.11 -1.00
C LYS B 160 -21.41 26.25 0.11
N GLU B 161 -21.68 26.86 1.26
CA GLU B 161 -22.40 26.20 2.35
C GLU B 161 -23.90 26.31 2.11
N SER B 162 -24.58 25.17 2.23
CA SER B 162 -25.99 25.05 1.92
C SER B 162 -26.56 23.90 2.78
N GLU B 163 -27.87 23.79 2.88
CA GLU B 163 -28.48 22.70 3.66
C GLU B 163 -28.41 21.40 2.89
N SER B 164 -28.23 20.32 3.65
CA SER B 164 -28.15 18.96 3.14
C SER B 164 -29.29 18.59 2.22
N ILE B 165 -29.01 17.74 1.24
CA ILE B 165 -30.00 17.25 0.31
C ILE B 165 -29.89 15.72 0.24
N LYS B 166 -31.01 15.04 0.43
CA LYS B 166 -31.06 13.58 0.44
C LYS B 166 -31.16 13.11 -0.99
N MET B 167 -30.52 11.98 -1.26
CA MET B 167 -30.43 11.46 -2.62
C MET B 167 -31.61 10.55 -2.89
N LYS B 168 -31.94 10.44 -4.16
CA LYS B 168 -33.10 9.70 -4.63
C LYS B 168 -32.78 8.22 -4.69
N PHE B 169 -31.48 7.86 -4.76
CA PHE B 169 -31.04 6.50 -5.09
C PHE B 169 -29.73 6.10 -4.33
N ASP B 170 -29.37 4.82 -4.46
CA ASP B 170 -28.22 4.24 -3.78
C ASP B 170 -27.02 4.20 -4.72
N THR B 171 -25.99 4.98 -4.40
CA THR B 171 -24.75 5.03 -5.25
C THR B 171 -23.97 3.73 -5.18
N ASN B 172 -24.03 3.09 -4.03
CA ASN B 172 -23.31 1.80 -3.78
C ASN B 172 -23.78 0.75 -4.75
N LYS B 173 -25.09 0.50 -4.78
CA LYS B 173 -25.70 -0.47 -5.75
C LYS B 173 -25.46 -0.04 -7.18
N LYS B 174 -25.73 1.22 -7.44
CA LYS B 174 -25.57 1.72 -8.80
C LYS B 174 -24.16 1.44 -9.32
N TYR B 175 -23.12 1.81 -8.55
CA TYR B 175 -21.75 1.62 -9.08
C TYR B 175 -21.20 0.23 -8.92
N ARG B 176 -21.73 -0.53 -7.96
CA ARG B 176 -21.29 -1.93 -7.85
C ARG B 176 -21.69 -2.65 -9.15
N GLU B 177 -22.83 -2.28 -9.73
CA GLU B 177 -23.26 -2.84 -11.03
C GLU B 177 -22.53 -2.19 -12.19
N LEU B 178 -22.57 -0.87 -12.32
CA LEU B 178 -21.92 -0.27 -13.55
C LEU B 178 -20.42 -0.47 -13.62
N LEU B 179 -19.75 -0.63 -12.47
CA LEU B 179 -18.28 -0.93 -12.50
C LEU B 179 -17.97 -2.40 -12.40
N ASP B 180 -19.01 -3.24 -12.40
CA ASP B 180 -18.85 -4.69 -12.38
C ASP B 180 -17.91 -5.07 -11.23
N ILE B 181 -18.19 -4.51 -10.05
CA ILE B 181 -17.35 -4.82 -8.89
C ILE B 181 -17.72 -6.22 -8.39
N PRO B 182 -16.75 -7.14 -8.25
CA PRO B 182 -17.05 -8.42 -7.65
C PRO B 182 -17.72 -8.32 -6.29
N GLU B 183 -18.50 -9.34 -5.96
CA GLU B 183 -19.40 -9.22 -4.88
C GLU B 183 -18.63 -9.14 -3.59
N GLY B 184 -19.07 -8.24 -2.72
CA GLY B 184 -18.40 -8.01 -1.45
C GLY B 184 -17.07 -7.25 -1.47
N TYR B 185 -16.48 -7.03 -2.64
CA TYR B 185 -15.21 -6.26 -2.75
C TYR B 185 -15.36 -4.81 -2.27
N SER B 186 -14.33 -4.34 -1.57
CA SER B 186 -14.22 -2.92 -1.19
C SER B 186 -13.61 -2.18 -2.28
N VAL B 187 -13.96 -0.91 -2.38
CA VAL B 187 -13.51 -0.06 -3.48
C VAL B 187 -12.91 1.21 -2.88
N PRO B 188 -11.58 1.22 -2.70
CA PRO B 188 -11.02 2.34 -1.91
C PRO B 188 -10.72 3.60 -2.70
N PHE B 189 -10.54 3.48 -4.00
CA PHE B 189 -10.15 4.60 -4.81
C PHE B 189 -10.13 4.23 -6.26
N GLY B 190 -10.13 5.27 -7.10
CA GLY B 190 -9.79 5.18 -8.51
C GLY B 190 -8.41 5.77 -8.79
N ILE B 191 -7.83 5.41 -9.91
CA ILE B 191 -6.58 6.01 -10.31
C ILE B 191 -6.83 6.71 -11.63
N ALA B 192 -6.63 8.03 -11.65
CA ALA B 192 -6.75 8.84 -12.87
C ALA B 192 -5.44 8.83 -13.62
N VAL B 193 -5.47 8.46 -14.90
CA VAL B 193 -4.29 8.34 -15.71
C VAL B 193 -4.45 9.12 -17.04
N GLY B 194 -3.36 9.73 -17.47
CA GLY B 194 -3.38 10.50 -18.68
C GLY B 194 -2.03 11.05 -19.03
N ILE B 195 -2.01 11.78 -20.13
CA ILE B 195 -0.81 12.44 -20.59
C ILE B 195 -0.74 13.80 -19.88
N PRO B 196 0.30 14.02 -19.10
CA PRO B 196 0.34 15.26 -18.37
C PRO B 196 0.36 16.46 -19.36
N ASP B 197 -0.39 17.49 -19.00
CA ASP B 197 -0.47 18.75 -19.74
C ASP B 197 0.57 19.69 -19.15
N GLY B 198 1.73 19.72 -19.79
CA GLY B 198 2.79 20.60 -19.38
C GLY B 198 3.92 19.75 -18.87
N ASN B 199 5.08 20.37 -18.75
CA ASN B 199 6.28 19.70 -18.22
C ASN B 199 6.08 19.25 -16.76
N LEU B 200 6.86 18.24 -16.39
CA LEU B 200 6.65 17.55 -15.15
C LEU B 200 7.05 18.44 -14.00
N PRO B 201 6.33 18.35 -12.84
CA PRO B 201 6.80 19.16 -11.68
C PRO B 201 8.11 18.63 -11.11
N ASN B 202 8.73 19.42 -10.24
CA ASN B 202 9.92 18.95 -9.52
C ASN B 202 9.54 17.93 -8.42
N ALA B 203 10.53 17.16 -8.04
CA ALA B 203 10.40 16.29 -6.88
C ALA B 203 10.09 17.15 -5.66
N ARG B 204 9.35 16.56 -4.71
CA ARG B 204 9.11 17.23 -3.39
C ARG B 204 10.20 16.86 -2.36
N GLU B 205 10.25 17.62 -1.29
CA GLU B 205 11.11 17.28 -0.16
C GLU B 205 10.69 15.88 0.38
N VAL B 206 11.65 15.01 0.49
CA VAL B 206 11.45 13.71 1.19
C VAL B 206 11.87 13.80 2.66
N VAL B 207 11.00 13.29 3.51
CA VAL B 207 11.26 13.14 4.93
C VAL B 207 11.42 11.67 5.33
N TYR B 208 12.46 11.42 6.11
CA TYR B 208 12.81 10.04 6.52
C TYR B 208 12.23 9.70 7.87
N LYS B 209 11.09 8.96 7.89
CA LYS B 209 10.48 8.53 9.16
C LYS B 209 11.04 7.16 9.51
N VAL B 210 12.28 7.17 9.98
CA VAL B 210 13.12 5.97 10.09
C VAL B 210 13.83 5.86 11.41
N SER B 211 14.07 4.63 11.80
CA SER B 211 14.88 4.26 12.92
C SER B 211 15.79 3.13 12.47
N ARG B 212 16.87 2.94 13.20
CA ARG B 212 17.88 1.98 12.84
C ARG B 212 18.21 1.04 13.93
N VAL B 213 18.49 -0.21 13.55
CA VAL B 213 19.02 -1.15 14.51
C VAL B 213 20.29 -1.89 14.02
N ALA B 214 21.35 -1.56 14.75
CA ALA B 214 22.63 -2.33 14.92
C ALA B 214 23.37 -2.91 13.72
N GLU B 215 23.66 -4.23 13.84
CA GLU B 215 24.65 -5.13 13.15
C GLU B 215 25.55 -5.81 14.20
N1 FMN C . 6.43 -14.54 1.46
C2 FMN C . 7.01 -15.32 2.39
O2 FMN C . 7.81 -16.23 2.08
N3 FMN C . 6.73 -15.15 3.72
C4 FMN C . 5.90 -14.23 4.24
O4 FMN C . 5.66 -14.04 5.39
C4A FMN C . 5.26 -13.38 3.20
N5 FMN C . 4.40 -12.47 3.62
C5A FMN C . 3.88 -11.65 2.69
C6 FMN C . 3.02 -10.63 3.13
C7 FMN C . 2.49 -9.73 2.22
C7M FMN C . 1.66 -8.57 2.71
C8 FMN C . 2.87 -9.82 0.84
C8M FMN C . 2.33 -8.83 -0.16
C9 FMN C . 3.63 -10.89 0.40
C9A FMN C . 4.17 -11.81 1.32
N10 FMN C . 5.01 -12.83 0.94
C10 FMN C . 5.59 -13.62 1.85
C1' FMN C . 5.33 -13.04 -0.49
C2' FMN C . 4.18 -13.75 -1.20
O2' FMN C . 4.09 -15.11 -0.77
C3' FMN C . 4.37 -13.69 -2.71
O3' FMN C . 4.24 -12.37 -3.19
C4' FMN C . 3.37 -14.58 -3.46
O4' FMN C . 3.53 -15.93 -2.99
C5' FMN C . 3.55 -14.56 -4.94
O5' FMN C . 4.93 -14.87 -5.22
P FMN C . 5.83 -13.82 -6.05
O1P FMN C . 5.91 -12.52 -5.11
O2P FMN C . 5.23 -13.40 -7.40
O3P FMN C . 7.24 -14.48 -6.13
C1 GOL D . 6.65 7.22 19.84
O1 GOL D . 5.60 7.93 19.10
C2 GOL D . 8.12 7.31 19.29
O2 GOL D . 8.16 6.92 17.93
C3 GOL D . 9.15 6.47 20.08
O3 GOL D . 8.64 5.14 20.40
P PO4 E . -8.81 12.62 -0.03
O1 PO4 E . -8.57 13.15 1.37
O2 PO4 E . -8.79 13.73 -1.06
O3 PO4 E . -7.74 11.60 -0.30
O4 PO4 E . -10.12 11.90 -0.07
N1 FMN F . -5.19 13.30 -4.44
C2 FMN F . -6.32 13.88 -4.89
O2 FMN F . -6.25 14.92 -5.57
N3 FMN F . -7.53 13.40 -4.57
C4 FMN F . -7.81 12.34 -3.78
O4 FMN F . -8.97 12.01 -3.58
C4A FMN F . -6.55 11.64 -3.35
N5 FMN F . -6.69 10.53 -2.64
C5A FMN F . -5.57 9.83 -2.38
C6 FMN F . -5.70 8.58 -1.74
C7 FMN F . -4.58 7.79 -1.54
C7M FMN F . -4.72 6.43 -0.92
C8 FMN F . -3.32 8.25 -1.93
C8M FMN F . -2.09 7.38 -1.70
C9 FMN F . -3.17 9.50 -2.46
C9A FMN F . -4.29 10.30 -2.76
N10 FMN F . -4.18 11.52 -3.38
C10 FMN F . -5.30 12.20 -3.73
C1' FMN F . -2.86 12.09 -3.74
C2' FMN F . -2.19 12.74 -2.53
O2' FMN F . -2.81 13.98 -2.15
C3' FMN F . -0.70 13.00 -2.80
O3' FMN F . -0.10 11.73 -2.98
C4' FMN F . 0.06 13.72 -1.66
O4' FMN F . -0.60 14.96 -1.43
C5' FMN F . 1.53 13.98 -1.91
O5' FMN F . 1.69 14.64 -3.17
P FMN F . 2.56 13.91 -4.35
O1P FMN F . 1.69 12.60 -4.77
O2P FMN F . 3.94 13.57 -3.73
O3P FMN F . 2.68 14.95 -5.54
#